data_6VW2
#
_entry.id   6VW2
#
_cell.length_a   1.00
_cell.length_b   1.00
_cell.length_c   1.00
_cell.angle_alpha   90.00
_cell.angle_beta   90.00
_cell.angle_gamma   90.00
#
_symmetry.space_group_name_H-M   'P 1'
#
_entity_poly.entity_id   1
_entity_poly.type   'polypeptide(L)'
_entity_poly.pdbx_seq_one_letter_code
;MGSSHHHHHHGSGLVPRGSASMSDSEVNQEAKPEVKPEVKPETHINLKVSDGSSEIFFKIKKTTPLRRLMEAFAKRQGKE
MDSLRFLYDGIRIQADQTPEDLDMEDNDIIEAHREQIGKCNTATCATQRLANFLVHSSNNFGAILSSTNVGSNTY
;
_entity_poly.pdbx_strand_id   A,B,C,D,E,F,G,H,I,J
#
# COMPACT_ATOMS: atom_id res chain seq x y z
N ASN A 132 -16.69 4.67 -23.02
CA ASN A 132 -15.49 4.23 -22.33
C ASN A 132 -14.51 5.39 -22.31
N PHE A 133 -14.92 6.45 -21.61
CA PHE A 133 -14.12 7.66 -21.43
C PHE A 133 -13.73 7.72 -19.96
N LEU A 134 -12.43 7.77 -19.70
CA LEU A 134 -11.91 7.60 -18.35
C LEU A 134 -10.94 8.75 -18.09
N VAL A 135 -11.32 9.65 -17.18
CA VAL A 135 -10.60 10.92 -17.12
C VAL A 135 -9.31 10.77 -16.33
N HIS A 136 -9.41 10.53 -15.01
CA HIS A 136 -8.21 10.20 -14.22
C HIS A 136 -8.54 9.05 -13.28
N SER A 137 -9.06 7.99 -13.86
CA SER A 137 -9.66 6.89 -13.13
C SER A 137 -8.67 5.74 -12.89
N SER A 138 -9.16 4.74 -12.16
CA SER A 138 -8.44 3.54 -11.71
C SER A 138 -7.38 3.87 -10.67
N ASN A 139 -7.71 4.73 -9.73
CA ASN A 139 -6.75 5.13 -8.73
C ASN A 139 -6.82 4.21 -7.52
N ASN A 140 -5.70 3.60 -7.19
CA ASN A 140 -5.51 2.91 -5.92
C ASN A 140 -4.18 3.32 -5.34
N PHE A 141 -4.17 3.64 -4.04
CA PHE A 141 -3.01 4.21 -3.38
C PHE A 141 -2.51 3.28 -2.30
N GLY A 142 -1.22 2.99 -2.32
CA GLY A 142 -0.64 2.15 -1.30
C GLY A 142 -1.11 0.72 -1.39
N ALA A 143 -1.37 0.24 -2.60
CA ALA A 143 -2.11 -0.98 -2.83
C ALA A 143 -1.19 -2.16 -3.08
N ILE A 144 -1.62 -3.32 -2.61
CA ILE A 144 -1.22 -4.60 -3.15
C ILE A 144 -2.45 -5.16 -3.85
N LEU A 145 -2.33 -5.44 -5.14
CA LEU A 145 -3.49 -5.91 -5.90
C LEU A 145 -3.11 -7.09 -6.76
N SER A 146 -4.03 -8.06 -6.86
CA SER A 146 -3.80 -9.34 -7.53
C SER A 146 -2.61 -10.03 -6.86
N SER A 147 -2.88 -10.51 -5.65
CA SER A 147 -1.87 -11.03 -4.76
C SER A 147 -2.38 -12.27 -4.06
N THR A 148 -1.51 -13.27 -3.92
CA THR A 148 -1.97 -14.56 -3.42
C THR A 148 -1.85 -14.67 -1.90
N ASN A 149 -0.63 -14.58 -1.38
CA ASN A 149 -0.37 -14.79 0.03
C ASN A 149 0.36 -13.59 0.58
N VAL A 150 -0.24 -12.90 1.55
CA VAL A 150 0.34 -11.70 2.12
C VAL A 150 0.74 -11.99 3.56
N GLY A 151 2.04 -11.98 3.82
CA GLY A 151 2.54 -12.21 5.16
C GLY A 151 2.50 -13.64 5.62
N SER A 152 2.33 -14.60 4.71
CA SER A 152 2.17 -16.00 5.08
C SER A 152 3.51 -16.58 5.50
N ASN A 153 3.77 -16.63 6.80
CA ASN A 153 5.11 -16.88 7.29
C ASN A 153 5.08 -17.97 8.34
N THR A 154 6.28 -18.45 8.69
CA THR A 154 6.51 -19.40 9.78
C THR A 154 5.72 -20.69 9.51
N TYR A 155 6.24 -21.43 8.54
CA TYR A 155 5.61 -22.68 8.13
C TYR A 155 6.35 -23.84 8.77
N ASN B 132 12.84 -5.02 25.14
CA ASN B 132 12.84 -4.43 23.81
C ASN B 132 13.61 -5.34 22.86
N PHE B 133 13.06 -6.54 22.69
CA PHE B 133 13.62 -7.56 21.82
C PHE B 133 12.66 -7.71 20.66
N LEU B 134 13.15 -7.51 19.44
CA LEU B 134 12.30 -7.41 18.26
C LEU B 134 12.87 -8.34 17.19
N VAL B 135 12.14 -9.41 16.89
CA VAL B 135 12.76 -10.49 16.13
C VAL B 135 12.78 -10.17 14.64
N HIS B 136 11.60 -10.12 14.00
CA HIS B 136 11.54 -9.64 12.61
C HIS B 136 10.33 -8.72 12.46
N SER B 137 10.28 -7.73 13.34
CA SER B 137 9.12 -6.88 13.52
C SER B 137 9.21 -5.59 12.70
N SER B 138 8.13 -4.81 12.79
CA SER B 138 7.88 -3.55 12.08
C SER B 138 7.69 -3.76 10.59
N ASN B 139 6.93 -4.80 10.22
CA ASN B 139 6.73 -5.09 8.83
C ASN B 139 5.50 -4.37 8.29
N ASN B 140 5.71 -3.58 7.26
CA ASN B 140 4.63 -3.02 6.46
C ASN B 140 4.96 -3.22 4.99
N PHE B 141 3.98 -3.68 4.22
CA PHE B 141 4.21 -4.06 2.84
C PHE B 141 3.38 -3.20 1.91
N GLY B 142 4.03 -2.63 0.91
CA GLY B 142 3.33 -1.81 -0.07
C GLY B 142 2.84 -0.52 0.53
N ALA B 143 3.57 0.03 1.48
CA ALA B 143 3.08 1.08 2.35
C ALA B 143 3.52 2.46 1.86
N ILE B 144 2.63 3.43 2.07
CA ILE B 144 3.01 4.83 2.20
C ILE B 144 2.78 5.19 3.65
N LEU B 145 3.82 5.66 4.32
CA LEU B 145 3.71 5.94 5.74
C LEU B 145 4.35 7.27 6.07
N SER B 146 3.72 8.03 6.97
CA SER B 146 4.10 9.40 7.30
C SER B 146 4.04 10.24 6.03
N SER B 147 2.80 10.50 5.62
CA SER B 147 2.51 11.11 4.33
C SER B 147 1.39 12.12 4.49
N THR B 148 1.53 13.25 3.80
CA THR B 148 0.58 14.33 4.04
C THR B 148 -0.61 14.28 3.08
N ASN B 149 -0.35 14.39 1.78
CA ASN B 149 -1.41 14.49 0.78
C ASN B 149 -1.18 13.40 -0.26
N VAL B 150 -2.14 12.50 -0.39
CA VAL B 150 -2.02 11.38 -1.31
C VAL B 150 -3.04 11.57 -2.43
N GLY B 151 -2.55 11.80 -3.65
CA GLY B 151 -3.41 11.97 -4.79
C GLY B 151 -4.12 13.30 -4.87
N SER B 152 -3.70 14.30 -4.10
CA SER B 152 -4.40 15.58 -4.03
C SER B 152 -4.14 16.37 -5.31
N ASN B 153 -5.07 16.31 -6.26
CA ASN B 153 -4.81 16.79 -7.60
C ASN B 153 -5.92 17.70 -8.06
N THR B 154 -5.66 18.38 -9.19
CA THR B 154 -6.62 19.22 -9.89
C THR B 154 -7.12 20.33 -8.96
N TYR B 155 -6.23 21.29 -8.74
CA TYR B 155 -6.52 22.41 -7.86
C TYR B 155 -6.89 23.61 -8.70
N ASN C 132 8.63 -6.18 27.24
CA ASN C 132 8.63 -5.55 25.92
C ASN C 132 9.39 -6.46 24.97
N PHE C 133 8.84 -7.65 24.77
CA PHE C 133 9.38 -8.66 23.87
C PHE C 133 8.42 -8.79 22.72
N LEU C 134 8.90 -8.57 21.50
CA LEU C 134 8.06 -8.43 20.32
C LEU C 134 8.60 -9.36 19.25
N VAL C 135 7.86 -10.41 18.92
CA VAL C 135 8.47 -11.49 18.14
C VAL C 135 8.49 -11.14 16.66
N HIS C 136 7.32 -11.07 16.02
CA HIS C 136 7.26 -10.57 14.64
C HIS C 136 6.06 -9.62 14.51
N SER C 137 6.02 -8.65 15.40
CA SER C 137 4.87 -7.79 15.61
C SER C 137 4.97 -6.50 14.81
N SER C 138 3.89 -5.70 14.92
CA SER C 138 3.66 -4.44 14.22
C SER C 138 3.44 -4.62 12.73
N ASN C 139 2.69 -5.64 12.36
CA ASN C 139 2.47 -5.91 10.95
C ASN C 139 1.26 -5.16 10.43
N ASN C 140 1.47 -4.36 9.41
CA ASN C 140 0.39 -3.78 8.62
C ASN C 140 0.72 -3.94 7.15
N PHE C 141 -0.28 -4.39 6.37
CA PHE C 141 -0.05 -4.76 4.98
C PHE C 141 -0.87 -3.86 4.08
N GLY C 142 -0.21 -3.28 3.08
CA GLY C 142 -0.90 -2.44 2.12
C GLY C 142 -1.39 -1.16 2.74
N ALA C 143 -0.66 -0.64 3.70
CA ALA C 143 -1.13 0.42 4.59
C ALA C 143 -0.68 1.79 4.12
N ILE C 144 -1.55 2.76 4.35
CA ILE C 144 -1.17 4.16 4.50
C ILE C 144 -1.38 4.51 5.96
N LEU C 145 -0.33 4.94 6.64
CA LEU C 145 -0.44 5.21 8.06
C LEU C 145 0.21 6.53 8.42
N SER C 146 -0.42 7.26 9.33
CA SER C 146 -0.02 8.63 9.67
C SER C 146 -0.07 9.50 8.42
N SER C 147 -1.31 9.77 8.02
CA SER C 147 -1.60 10.40 6.75
C SER C 147 -2.71 11.43 6.92
N THR C 148 -2.56 12.56 6.25
CA THR C 148 -3.50 13.66 6.51
C THR C 148 -4.69 13.63 5.55
N ASN C 149 -4.43 13.76 4.26
CA ASN C 149 -5.50 13.88 3.27
C ASN C 149 -5.28 12.82 2.20
N VAL C 150 -6.26 11.92 2.05
CA VAL C 150 -6.14 10.81 1.12
C VAL C 150 -7.16 11.04 0.00
N GLY C 151 -6.67 11.29 -1.20
CA GLY C 151 -7.55 11.48 -2.34
C GLY C 151 -8.24 12.81 -2.41
N SER C 152 -7.80 13.80 -1.62
CA SER C 152 -8.50 15.08 -1.53
C SER C 152 -8.23 15.89 -2.78
N ASN C 153 -9.16 15.85 -3.73
CA ASN C 153 -8.89 16.36 -5.07
C ASN C 153 -10.00 17.29 -5.52
N THR C 154 -9.73 17.99 -6.61
CA THR C 154 -10.69 18.85 -7.31
C THR C 154 -11.19 19.95 -6.35
N TYR C 155 -10.28 20.89 -6.13
CA TYR C 155 -10.56 21.99 -5.22
C TYR C 155 -10.92 23.22 -6.05
N ASN D 132 -12.45 4.74 -25.36
CA ASN D 132 -11.23 4.32 -24.66
C ASN D 132 -10.26 5.49 -24.65
N PHE D 133 -10.69 6.56 -23.97
CA PHE D 133 -9.90 7.77 -23.82
C PHE D 133 -9.51 7.87 -22.36
N LEU D 134 -8.21 7.93 -22.09
CA LEU D 134 -7.69 7.79 -20.74
C LEU D 134 -6.74 8.94 -20.48
N VAL D 135 -7.12 9.87 -19.60
CA VAL D 135 -6.41 11.13 -19.55
C VAL D 135 -5.12 11.02 -18.75
N HIS D 136 -5.22 10.80 -17.44
CA HIS D 136 -4.02 10.49 -16.65
C HIS D 136 -4.34 9.35 -15.68
N SER D 137 -4.87 8.28 -16.24
CA SER D 137 -5.45 7.18 -15.50
C SER D 137 -4.46 6.06 -15.23
N SER D 138 -4.93 5.05 -14.48
CA SER D 138 -4.20 3.86 -14.02
C SER D 138 -3.15 4.22 -12.98
N ASN D 139 -3.49 5.11 -12.06
CA ASN D 139 -2.54 5.52 -11.05
C ASN D 139 -2.61 4.62 -9.83
N ASN D 140 -1.47 4.03 -9.50
CA ASN D 140 -1.29 3.36 -8.22
C ASN D 140 0.04 3.80 -7.63
N PHE D 141 0.03 4.13 -6.34
CA PHE D 141 1.20 4.73 -5.69
C PHE D 141 1.70 3.82 -4.59
N GLY D 142 2.99 3.54 -4.61
CA GLY D 142 3.59 2.72 -3.56
C GLY D 142 3.13 1.29 -3.64
N ALA D 143 2.86 0.79 -4.84
CA ALA D 143 2.14 -0.44 -5.04
C ALA D 143 3.07 -1.62 -5.26
N ILE D 144 2.65 -2.78 -4.78
CA ILE D 144 3.06 -4.07 -5.30
C ILE D 144 1.83 -4.64 -5.99
N LEU D 145 1.95 -4.95 -7.27
CA LEU D 145 0.82 -5.44 -8.02
C LEU D 145 1.20 -6.63 -8.87
N SER D 146 0.28 -7.61 -8.96
CA SER D 146 0.53 -8.90 -9.60
C SER D 146 1.72 -9.57 -8.92
N SER D 147 1.45 -10.03 -7.70
CA SER D 147 2.46 -10.52 -6.79
C SER D 147 1.97 -11.76 -6.08
N THR D 148 2.84 -12.75 -5.92
CA THR D 148 2.39 -14.02 -5.39
C THR D 148 2.52 -14.11 -3.88
N ASN D 149 3.72 -14.00 -3.35
CA ASN D 149 3.99 -14.20 -1.93
C ASN D 149 4.71 -12.97 -1.40
N VAL D 150 4.10 -12.28 -0.45
CA VAL D 150 4.65 -11.05 0.09
C VAL D 150 5.06 -11.32 1.54
N GLY D 151 6.36 -11.29 1.81
CA GLY D 151 6.86 -11.50 3.15
C GLY D 151 6.84 -12.92 3.63
N SER D 152 6.67 -13.90 2.74
CA SER D 152 6.52 -15.29 3.14
C SER D 152 7.87 -15.85 3.57
N ASN D 153 8.12 -15.87 4.87
CA ASN D 153 9.47 -16.11 5.37
C ASN D 153 9.45 -17.18 6.44
N THR D 154 10.64 -17.64 6.79
CA THR D 154 10.88 -18.58 7.89
C THR D 154 10.11 -19.87 7.65
N TYR D 155 10.63 -20.63 6.69
CA TYR D 155 10.01 -21.89 6.31
C TYR D 155 10.76 -23.03 6.97
N ASN E 132 -20.92 4.63 -20.65
CA ASN E 132 -19.72 4.17 -19.98
C ASN E 132 -18.72 5.32 -19.94
N PHE E 133 -19.12 6.37 -19.22
CA PHE E 133 -18.31 7.57 -19.03
C PHE E 133 -17.92 7.60 -17.56
N LEU E 134 -16.62 7.63 -17.30
CA LEU E 134 -16.09 7.43 -15.96
C LEU E 134 -15.11 8.56 -15.67
N VAL E 135 -15.47 9.46 -14.75
CA VAL E 135 -14.74 10.72 -14.67
C VAL E 135 -13.45 10.55 -13.88
N HIS E 136 -13.55 10.28 -12.57
CA HIS E 136 -12.35 9.93 -11.80
C HIS E 136 -12.68 8.76 -10.87
N SER E 137 -13.23 7.71 -11.46
CA SER E 137 -13.84 6.61 -10.75
C SER E 137 -12.85 5.45 -10.54
N SER E 138 -13.35 4.44 -9.82
CA SER E 138 -12.64 3.22 -9.40
C SER E 138 -11.58 3.52 -8.36
N ASN E 139 -11.90 4.38 -7.40
CA ASN E 139 -10.93 4.74 -6.39
C ASN E 139 -11.01 3.80 -5.19
N ASN E 140 -9.89 3.18 -4.88
CA ASN E 140 -9.71 2.46 -3.63
C ASN E 140 -8.36 2.85 -3.03
N PHE E 141 -8.36 3.14 -1.74
CA PHE E 141 -7.19 3.70 -1.07
C PHE E 141 -6.70 2.74 -0.01
N GLY E 142 -5.41 2.44 -0.04
CA GLY E 142 -4.83 1.58 0.97
C GLY E 142 -5.32 0.15 0.85
N ALA E 143 -5.58 -0.30 -0.36
CA ALA E 143 -6.34 -1.51 -0.61
C ALA E 143 -5.43 -2.69 -0.88
N ILE E 144 -5.88 -3.86 -0.43
CA ILE E 144 -5.48 -5.14 -1.00
C ILE E 144 -6.72 -5.68 -1.71
N LEU E 145 -6.61 -5.93 -2.99
CA LEU E 145 -7.77 -6.37 -3.75
C LEU E 145 -7.41 -7.54 -4.65
N SER E 146 -8.34 -8.49 -4.76
CA SER E 146 -8.12 -9.77 -5.44
C SER E 146 -6.94 -10.48 -4.79
N SER E 147 -7.21 -10.98 -3.59
CA SER E 147 -6.20 -11.52 -2.71
C SER E 147 -6.72 -12.78 -2.04
N THR E 148 -5.86 -13.79 -1.91
CA THR E 148 -6.33 -15.07 -1.43
C THR E 148 -6.21 -15.20 0.08
N ASN E 149 -4.99 -15.14 0.59
CA ASN E 149 -4.73 -15.39 2.00
C ASN E 149 -3.98 -14.20 2.58
N VAL E 150 -4.57 -13.53 3.56
CA VAL E 150 -3.99 -12.33 4.15
C VAL E 150 -3.59 -12.66 5.57
N GLY E 151 -2.29 -12.67 5.83
CA GLY E 151 -1.78 -12.92 7.17
C GLY E 151 -1.83 -14.36 7.60
N SER E 152 -2.01 -15.31 6.68
CA SER E 152 -2.19 -16.71 7.03
C SER E 152 -0.85 -17.30 7.43
N ASN E 153 -0.59 -17.38 8.73
CA ASN E 153 0.74 -17.66 9.21
C ASN E 153 0.71 -18.76 10.25
N THR E 154 1.91 -19.26 10.58
CA THR E 154 2.14 -20.24 11.65
C THR E 154 1.33 -21.51 11.36
N TYR E 155 1.83 -22.24 10.38
CA TYR E 155 1.19 -23.47 9.96
C TYR E 155 1.92 -24.66 10.57
N ASN F 132 17.03 -3.85 23.04
CA ASN F 132 17.03 -3.28 21.70
C ASN F 132 17.82 -4.21 20.78
N PHE F 133 17.28 -5.41 20.62
CA PHE F 133 17.85 -6.45 19.77
C PHE F 133 16.89 -6.63 18.60
N LEU F 134 17.38 -6.45 17.39
CA LEU F 134 16.54 -6.37 16.20
C LEU F 134 17.12 -7.31 15.16
N VAL F 135 16.39 -8.40 14.87
CA VAL F 135 17.02 -9.48 14.13
C VAL F 135 17.04 -9.19 12.63
N HIS F 136 15.87 -9.17 11.99
CA HIS F 136 15.81 -8.71 10.59
C HIS F 136 14.60 -7.80 10.42
N SER F 137 14.53 -6.80 11.28
CA SER F 137 13.36 -5.96 11.45
C SER F 137 13.44 -4.69 10.61
N SER F 138 12.36 -3.90 10.68
CA SER F 138 12.09 -2.66 9.94
C SER F 138 11.91 -2.90 8.46
N ASN F 139 11.16 -3.95 8.11
CA ASN F 139 10.97 -4.28 6.71
C ASN F 139 9.73 -3.57 6.17
N ASN F 140 9.94 -2.80 5.12
CA ASN F 140 8.85 -2.27 4.31
C ASN F 140 9.19 -2.48 2.84
N PHE F 141 8.22 -2.96 2.07
CA PHE F 141 8.45 -3.37 0.70
C PHE F 141 7.62 -2.53 -0.24
N GLY F 142 8.27 -1.97 -1.25
CA GLY F 142 7.56 -1.18 -2.25
C GLY F 142 7.05 0.12 -1.68
N ALA F 143 7.78 0.69 -0.73
CA ALA F 143 7.28 1.75 0.12
C ALA F 143 7.70 3.12 -0.39
N ILE F 144 6.82 4.09 -0.21
CA ILE F 144 7.17 5.50 -0.10
C ILE F 144 6.95 5.89 1.35
N LEU F 145 7.98 6.37 2.01
CA LEU F 145 7.87 6.68 3.43
C LEU F 145 8.49 8.03 3.73
N SER F 146 7.85 8.78 4.63
CA SER F 146 8.21 10.16 4.92
C SER F 146 8.16 10.99 3.64
N SER F 147 6.91 11.22 3.21
CA SER F 147 6.62 11.81 1.92
C SER F 147 5.49 12.81 2.05
N THR F 148 5.62 13.93 1.35
CA THR F 148 4.66 15.01 1.56
C THR F 148 3.48 14.92 0.61
N ASN F 149 3.74 15.01 -0.70
CA ASN F 149 2.68 15.09 -1.70
C ASN F 149 2.92 13.99 -2.72
N VAL F 150 1.97 13.07 -2.84
CA VAL F 150 2.10 11.94 -3.74
C VAL F 150 1.09 12.10 -4.86
N GLY F 151 1.58 12.31 -6.08
CA GLY F 151 0.71 12.46 -7.23
C GLY F 151 -0.01 13.78 -7.33
N SER F 152 0.41 14.79 -6.59
CA SER F 152 -0.31 16.06 -6.54
C SER F 152 -0.05 16.84 -7.82
N ASN F 153 -0.98 16.75 -8.77
CA ASN F 153 -0.72 17.21 -10.13
C ASN F 153 -1.83 18.10 -10.61
N THR F 154 -1.58 18.77 -11.74
CA THR F 154 -2.55 19.59 -12.46
C THR F 154 -3.07 20.71 -11.56
N TYR F 155 -2.18 21.67 -11.36
CA TYR F 155 -2.48 22.81 -10.49
C TYR F 155 -2.86 24.00 -11.36
N ASN G 132 4.41 -7.33 29.33
CA ASN G 132 4.42 -6.68 28.03
C ASN G 132 5.17 -7.58 27.06
N PHE G 133 4.59 -8.76 26.84
CA PHE G 133 5.14 -9.76 25.92
C PHE G 133 4.17 -9.86 24.76
N LEU G 134 4.66 -9.63 23.56
CA LEU G 134 3.81 -9.46 22.38
C LEU G 134 4.34 -10.37 21.29
N VAL G 135 3.60 -11.42 20.95
CA VAL G 135 4.19 -12.48 20.15
C VAL G 135 4.21 -12.10 18.66
N HIS G 136 3.03 -12.01 18.04
CA HIS G 136 2.98 -11.49 16.66
C HIS G 136 1.79 -10.53 16.55
N SER G 137 1.75 -9.58 17.47
CA SER G 137 0.61 -8.71 17.69
C SER G 137 0.71 -7.40 16.92
N SER G 138 -0.36 -6.59 17.03
CA SER G 138 -0.57 -5.31 16.36
C SER G 138 -0.79 -5.47 14.87
N ASN G 139 -1.55 -6.48 14.47
CA ASN G 139 -1.78 -6.72 13.07
C ASN G 139 -2.99 -5.96 12.57
N ASN G 140 -2.77 -5.13 11.56
CA ASN G 140 -3.85 -4.54 10.79
C ASN G 140 -3.53 -4.68 9.31
N PHE G 141 -4.52 -5.10 8.53
CA PHE G 141 -4.30 -5.44 7.13
C PHE G 141 -5.11 -4.53 6.24
N GLY G 142 -4.46 -3.93 5.25
CA GLY G 142 -5.14 -3.08 4.31
C GLY G 142 -5.61 -1.80 4.95
N ALA G 143 -4.88 -1.29 5.92
CA ALA G 143 -5.34 -0.26 6.82
C ALA G 143 -4.88 1.12 6.39
N ILE G 144 -5.74 2.10 6.63
CA ILE G 144 -5.34 3.50 6.81
C ILE G 144 -5.56 3.80 8.27
N LEU G 145 -4.50 4.22 8.96
CA LEU G 145 -4.60 4.47 10.38
C LEU G 145 -3.93 5.78 10.75
N SER G 146 -4.55 6.50 11.69
CA SER G 146 -4.14 7.86 12.06
C SER G 146 -4.19 8.75 10.82
N SER G 147 -5.42 9.04 10.42
CA SER G 147 -5.71 9.70 9.16
C SER G 147 -6.81 10.73 9.35
N THR G 148 -6.66 11.88 8.71
CA THR G 148 -7.59 12.97 8.98
C THR G 148 -8.77 12.97 8.02
N ASN G 149 -8.53 13.12 6.74
CA ASN G 149 -9.59 13.27 5.74
C ASN G 149 -9.39 12.23 4.66
N VAL G 150 -10.36 11.34 4.50
CA VAL G 150 -10.27 10.25 3.55
C VAL G 150 -11.28 10.50 2.45
N GLY G 151 -10.79 10.76 1.24
CA GLY G 151 -11.66 10.98 0.11
C GLY G 151 -12.35 12.33 0.06
N SER G 152 -11.90 13.29 0.86
CA SER G 152 -12.58 14.58 0.98
C SER G 152 -12.31 15.41 -0.25
N ASN G 153 -13.24 15.40 -1.20
CA ASN G 153 -12.97 15.93 -2.53
C ASN G 153 -14.07 16.87 -2.96
N THR G 154 -13.80 17.59 -4.05
CA THR G 154 -14.76 18.47 -4.72
C THR G 154 -15.24 19.55 -3.76
N TYR G 155 -14.32 20.48 -3.51
CA TYR G 155 -14.60 21.58 -2.59
C TYR G 155 -14.95 22.81 -3.38
N ASN H 132 -8.20 4.79 -27.69
CA ASN H 132 -6.99 4.39 -26.99
C ASN H 132 -6.03 5.57 -27.00
N PHE H 133 -6.46 6.65 -26.34
CA PHE H 133 -5.68 7.87 -26.21
C PHE H 133 -5.30 7.99 -24.74
N LEU H 134 -4.01 8.07 -24.47
CA LEU H 134 -3.48 7.96 -23.11
C LEU H 134 -2.54 9.13 -22.88
N VAL H 135 -2.94 10.06 -22.01
CA VAL H 135 -2.24 11.34 -21.99
C VAL H 135 -0.95 11.24 -21.19
N HIS H 136 -1.06 11.05 -19.86
CA HIS H 136 0.14 10.77 -19.07
C HIS H 136 -0.16 9.64 -18.07
N SER H 137 -0.67 8.55 -18.62
CA SER H 137 -1.25 7.46 -17.86
C SER H 137 -0.24 6.35 -17.58
N SER H 138 -0.71 5.36 -16.82
CA SER H 138 0.02 4.19 -16.32
C SER H 138 1.07 4.57 -15.29
N ASN H 139 0.72 5.46 -14.37
CA ASN H 139 1.66 5.91 -13.38
C ASN H 139 1.60 5.03 -12.14
N ASN H 140 2.74 4.45 -11.79
CA ASN H 140 2.93 3.81 -10.50
C ASN H 140 4.25 4.26 -9.92
N PHE H 141 4.24 4.62 -8.64
CA PHE H 141 5.39 5.24 -8.00
C PHE H 141 5.89 4.36 -6.88
N GLY H 142 7.19 4.09 -6.88
CA GLY H 142 7.79 3.29 -5.83
C GLY H 142 7.35 1.86 -5.87
N ALA H 143 7.10 1.34 -7.07
CA ALA H 143 6.38 0.10 -7.26
C ALA H 143 7.33 -1.08 -7.46
N ILE H 144 6.91 -2.23 -6.95
CA ILE H 144 7.33 -3.53 -7.45
C ILE H 144 6.12 -4.13 -8.13
N LEU H 145 6.24 -4.46 -9.42
CA LEU H 145 5.10 -4.97 -10.16
C LEU H 145 5.50 -6.17 -10.98
N SER H 146 4.60 -7.15 -11.06
CA SER H 146 4.86 -8.45 -11.67
C SER H 146 6.06 -9.10 -10.98
N SER H 147 5.78 -9.54 -9.75
CA SER H 147 6.80 -10.01 -8.83
C SER H 147 6.31 -11.25 -8.10
N THR H 148 7.20 -12.22 -7.92
CA THR H 148 6.75 -13.48 -7.37
C THR H 148 6.87 -13.54 -5.86
N ASN H 149 8.09 -13.41 -5.34
CA ASN H 149 8.34 -13.59 -3.90
C ASN H 149 9.06 -12.35 -3.40
N VAL H 150 8.44 -11.64 -2.46
CA VAL H 150 8.99 -10.40 -1.93
C VAL H 150 9.38 -10.65 -0.49
N GLY H 151 10.68 -10.60 -0.21
CA GLY H 151 11.17 -10.77 1.14
C GLY H 151 11.17 -12.20 1.64
N SER H 152 11.02 -13.19 0.77
CA SER H 152 10.87 -14.58 1.19
C SER H 152 12.23 -15.11 1.62
N ASN H 153 12.47 -15.11 2.93
CA ASN H 153 13.82 -15.33 3.44
C ASN H 153 13.81 -16.38 4.53
N THR H 154 15.01 -16.83 4.90
CA THR H 154 15.26 -17.73 6.01
C THR H 154 14.49 -19.04 5.80
N TYR H 155 15.02 -19.82 4.85
CA TYR H 155 14.41 -21.08 4.49
C TYR H 155 15.18 -22.21 5.17
N ASN I 132 -25.15 4.58 -18.29
CA ASN I 132 -23.94 4.09 -17.63
C ASN I 132 -22.94 5.24 -17.57
N PHE I 133 -23.32 6.28 -16.83
CA PHE I 133 -22.51 7.46 -16.63
C PHE I 133 -22.11 7.47 -15.16
N LEU I 134 -20.81 7.48 -14.89
CA LEU I 134 -20.28 7.25 -13.56
C LEU I 134 -19.29 8.37 -13.26
N VAL I 135 -19.63 9.25 -12.32
CA VAL I 135 -18.90 10.50 -12.22
C VAL I 135 -17.61 10.30 -11.43
N HIS I 136 -17.71 10.02 -10.13
CA HIS I 136 -16.51 9.65 -9.36
C HIS I 136 -16.86 8.46 -8.45
N SER I 137 -17.41 7.43 -9.06
CA SER I 137 -18.02 6.32 -8.37
C SER I 137 -17.05 5.16 -8.18
N SER I 138 -17.55 4.12 -7.49
CA SER I 138 -16.85 2.90 -7.08
C SER I 138 -15.78 3.16 -6.04
N ASN I 139 -16.09 4.01 -5.06
CA ASN I 139 -15.12 4.35 -4.05
C ASN I 139 -15.21 3.39 -2.88
N ASN I 140 -14.09 2.75 -2.57
CA ASN I 140 -13.92 2.01 -1.34
C ASN I 140 -12.57 2.38 -0.73
N PHE I 141 -12.55 2.65 0.57
CA PHE I 141 -11.38 3.18 1.23
C PHE I 141 -10.90 2.21 2.29
N GLY I 142 -9.61 1.89 2.25
CA GLY I 142 -9.03 1.00 3.24
C GLY I 142 -9.53 -0.41 3.10
N ALA I 143 -9.81 -0.84 1.87
CA ALA I 143 -10.58 -2.04 1.60
C ALA I 143 -9.67 -3.23 1.31
N ILE I 144 -10.13 -4.40 1.75
CA ILE I 144 -9.75 -5.67 1.15
C ILE I 144 -11.00 -6.18 0.45
N LEU I 145 -10.89 -6.42 -0.85
CA LEU I 145 -12.06 -6.84 -1.62
C LEU I 145 -11.71 -8.00 -2.53
N SER I 146 -12.65 -8.94 -2.66
CA SER I 146 -12.44 -10.20 -3.36
C SER I 146 -11.27 -10.94 -2.73
N SER I 147 -11.55 -11.45 -1.54
CA SER I 147 -10.54 -12.02 -0.67
C SER I 147 -11.07 -13.28 -0.01
N THR I 148 -10.21 -14.30 0.09
CA THR I 148 -10.71 -15.59 0.55
C THR I 148 -10.57 -15.75 2.06
N ASN I 149 -9.35 -15.70 2.57
CA ASN I 149 -9.08 -15.99 3.98
C ASN I 149 -8.32 -14.80 4.57
N VAL I 150 -8.91 -14.15 5.56
CA VAL I 150 -8.31 -12.97 6.17
C VAL I 150 -7.91 -13.32 7.59
N GLY I 151 -6.62 -13.35 7.85
CA GLY I 151 -6.10 -13.63 9.18
C GLY I 151 -6.16 -15.08 9.59
N SER I 152 -6.36 -16.00 8.65
CA SER I 152 -6.55 -17.41 8.97
C SER I 152 -5.21 -18.02 9.36
N ASN I 153 -4.95 -18.12 10.65
CA ASN I 153 -3.62 -18.42 11.13
C ASN I 153 -3.66 -19.55 12.15
N THR I 154 -2.46 -20.06 12.47
CA THR I 154 -2.25 -21.05 13.51
C THR I 154 -3.06 -22.31 13.21
N TYR I 155 -2.56 -23.04 12.22
CA TYR I 155 -3.22 -24.25 11.78
C TYR I 155 -2.50 -25.45 12.37
N ASN J 132 21.25 -2.71 20.90
CA ASN J 132 21.24 -2.16 19.55
C ASN J 132 22.02 -3.10 18.64
N PHE J 133 21.50 -4.31 18.51
CA PHE J 133 22.08 -5.35 17.67
C PHE J 133 21.14 -5.56 16.51
N LEU J 134 21.63 -5.39 15.29
CA LEU J 134 20.79 -5.34 14.10
C LEU J 134 21.37 -6.30 13.08
N VAL J 135 20.66 -7.40 12.80
CA VAL J 135 21.31 -8.49 12.09
C VAL J 135 21.33 -8.22 10.59
N HIS J 136 20.16 -8.21 9.94
CA HIS J 136 20.09 -7.79 8.53
C HIS J 136 18.87 -6.89 8.34
N SER J 137 18.79 -5.87 9.19
CA SER J 137 17.62 -5.03 9.34
C SER J 137 17.68 -3.78 8.48
N SER J 138 16.59 -3.01 8.53
CA SER J 138 16.32 -1.79 7.78
C SER J 138 16.14 -2.05 6.29
N ASN J 139 15.41 -3.11 5.96
CA ASN J 139 15.21 -3.46 4.57
C ASN J 139 13.98 -2.78 4.02
N ASN J 140 14.18 -2.02 2.95
CA ASN J 140 13.09 -1.51 2.13
C ASN J 140 13.43 -1.75 0.67
N PHE J 141 12.47 -2.25 -0.09
CA PHE J 141 12.71 -2.69 -1.46
C PHE J 141 11.87 -1.86 -2.43
N GLY J 142 12.53 -1.32 -3.44
CA GLY J 142 11.82 -0.55 -4.45
C GLY J 142 11.28 0.75 -3.90
N ALA J 143 12.00 1.35 -2.96
CA ALA J 143 11.49 2.43 -2.14
C ALA J 143 11.90 3.79 -2.67
N ILE J 144 11.01 4.75 -2.50
CA ILE J 144 11.35 6.16 -2.41
C ILE J 144 11.11 6.57 -0.97
N LEU J 145 12.14 7.07 -0.31
CA LEU J 145 12.02 7.41 1.10
C LEU J 145 12.64 8.76 1.38
N SER J 146 11.98 9.53 2.25
CA SER J 146 12.33 10.92 2.53
C SER J 146 12.27 11.72 1.23
N SER J 147 11.03 11.94 0.81
CA SER J 147 10.73 12.50 -0.50
C SER J 147 9.60 13.49 -0.39
N THR J 148 9.71 14.60 -1.11
CA THR J 148 8.74 15.67 -0.92
C THR J 148 7.56 15.56 -1.88
N ASN J 149 7.82 15.64 -3.18
CA ASN J 149 6.77 15.68 -4.18
C ASN J 149 7.02 14.56 -5.19
N VAL J 150 6.08 13.64 -5.30
CA VAL J 150 6.22 12.48 -6.17
C VAL J 150 5.21 12.62 -7.30
N GLY J 151 5.70 12.83 -8.52
CA GLY J 151 4.84 12.94 -9.67
C GLY J 151 4.11 14.25 -9.81
N SER J 152 4.51 15.28 -9.07
CA SER J 152 3.78 16.55 -9.05
C SER J 152 4.03 17.30 -10.35
N ASN J 153 3.11 17.19 -11.30
CA ASN J 153 3.38 17.63 -12.65
C ASN J 153 2.25 18.50 -13.15
N THR J 154 2.50 19.15 -14.30
CA THR J 154 1.52 19.95 -15.03
C THR J 154 1.00 21.08 -14.15
N TYR J 155 1.88 22.06 -13.96
CA TYR J 155 1.56 23.20 -13.11
C TYR J 155 1.16 24.37 -14.01
#